data_7PWZ
#
_entry.id   7PWZ
#
_cell.length_a   64.173
_cell.length_b   151.615
_cell.length_c   78.945
_cell.angle_alpha   90.000
_cell.angle_beta   90.000
_cell.angle_gamma   90.000
#
_symmetry.space_group_name_H-M   'C 2 2 2'
#
loop_
_entity.id
_entity.type
_entity.pdbx_description
1 polymer '14-3-3 protein sigma'
2 polymer 'C-terminus of Estrogen receptor alpha'
3 non-polymer 'MAGNESIUM ION'
4 non-polymer '2-oxidanyl-5-[(2~{R})-4-oxidanyl-5-oxidanylidene-2-(1-oxidanylidene-3~{H}-2-benzofuran-5-yl)-3-(phenylcarbonyl)-2~{H}-pyrrol-1-yl]benzoic acid'
5 water water
#
loop_
_entity_poly.entity_id
_entity_poly.type
_entity_poly.pdbx_seq_one_letter_code
_entity_poly.pdbx_strand_id
1 'polypeptide(L)'
;GAMGSMERASLIQKAKLAEQAERYEDMAAFMKGAVEKGEELSCEERNLLSVAYKNVVGGQRAAWRVLSSIEQKSNEEGSE
EKGPEVREYREKVETELQGVCDTVLGLLDSHLIKEAGDAESRVFYLKMKGDYYRYLAEVATGDDKKRIIDSARSAYQEAM
DISKKEMPPTNPIRLGLALNFSVFHYEIANSPEEAISLAKTTFDEAMADLHTLSEDSYKDSTLIMQLLRDNLTLWT
;
A
2 'polypeptide(L)' AEGFPA(TPO)V B
#
# COMPACT_ATOMS: atom_id res chain seq x y z
N GLY A 1 20.94 -11.96 -10.07
CA GLY A 1 19.47 -12.14 -10.18
C GLY A 1 19.02 -12.68 -11.53
N ALA A 2 17.80 -13.21 -11.58
CA ALA A 2 17.36 -13.91 -12.78
C ALA A 2 17.00 -12.93 -13.89
N MET A 3 16.64 -11.71 -13.54
CA MET A 3 16.37 -10.68 -14.54
C MET A 3 17.62 -9.90 -14.90
N GLY A 4 18.79 -10.29 -14.40
CA GLY A 4 19.98 -9.47 -14.50
C GLY A 4 20.57 -9.37 -15.89
N SER A 5 20.24 -10.31 -16.78
CA SER A 5 20.74 -10.27 -18.14
C SER A 5 19.86 -9.45 -19.09
N MET A 6 18.65 -9.12 -18.67
CA MET A 6 17.70 -8.44 -19.54
C MET A 6 17.87 -6.92 -19.46
N GLU A 7 17.51 -6.26 -20.56
CA GLU A 7 17.53 -4.80 -20.60
C GLU A 7 16.39 -4.24 -19.76
N ARG A 8 16.68 -3.11 -19.10
CA ARG A 8 15.65 -2.43 -18.32
C ARG A 8 14.38 -2.23 -19.14
N ALA A 9 14.53 -1.80 -20.39
CA ALA A 9 13.36 -1.48 -21.20
C ALA A 9 12.60 -2.73 -21.57
N SER A 10 13.32 -3.83 -21.82
CA SER A 10 12.62 -5.09 -22.08
C SER A 10 11.94 -5.61 -20.82
N LEU A 11 12.49 -5.30 -19.65
CA LEU A 11 11.82 -5.66 -18.41
C LEU A 11 10.53 -4.86 -18.22
N ILE A 12 10.55 -3.58 -18.59
CA ILE A 12 9.34 -2.77 -18.47
C ILE A 12 8.27 -3.28 -19.41
N GLN A 13 8.65 -3.61 -20.65
CA GLN A 13 7.71 -4.18 -21.59
C GLN A 13 7.02 -5.41 -21.02
N LYS A 14 7.82 -6.34 -20.49
CA LYS A 14 7.28 -7.62 -20.06
C LYS A 14 6.43 -7.45 -18.81
N ALA A 15 6.82 -6.55 -17.90
CA ALA A 15 5.93 -6.18 -16.80
C ALA A 15 4.57 -5.79 -17.35
N LYS A 16 4.54 -5.02 -18.44
CA LYS A 16 3.28 -4.62 -19.03
C LYS A 16 2.60 -5.78 -19.75
N LEU A 17 3.39 -6.68 -20.35
CA LEU A 17 2.78 -7.89 -20.89
C LEU A 17 2.14 -8.70 -19.78
N ALA A 18 2.82 -8.82 -18.63
CA ALA A 18 2.31 -9.62 -17.53
C ALA A 18 1.02 -9.03 -16.97
N GLU A 19 0.95 -7.71 -16.82
N GLU A 19 0.95 -7.71 -16.81
CA GLU A 19 -0.28 -7.08 -16.34
CA GLU A 19 -0.28 -7.09 -16.35
C GLU A 19 -1.46 -7.42 -17.25
C GLU A 19 -1.45 -7.47 -17.24
N GLN A 20 -1.22 -7.52 -18.56
CA GLN A 20 -2.29 -7.81 -19.49
C GLN A 20 -2.76 -9.25 -19.33
N ALA A 21 -1.80 -10.16 -19.14
CA ALA A 21 -2.10 -11.55 -18.84
C ALA A 21 -2.48 -11.79 -17.39
N GLU A 22 -2.52 -10.72 -16.57
CA GLU A 22 -2.89 -10.83 -15.16
C GLU A 22 -1.94 -11.80 -14.43
N ARG A 23 -0.67 -11.78 -14.84
CA ARG A 23 0.36 -12.60 -14.21
C ARG A 23 1.20 -11.70 -13.31
N TYR A 24 0.65 -11.42 -12.13
CA TYR A 24 1.20 -10.36 -11.30
C TYR A 24 2.49 -10.77 -10.59
N GLU A 25 2.67 -12.07 -10.30
CA GLU A 25 3.96 -12.53 -9.80
C GLU A 25 5.06 -12.23 -10.82
N ASP A 26 4.88 -12.69 -12.06
CA ASP A 26 5.78 -12.31 -13.12
C ASP A 26 5.94 -10.79 -13.19
N MET A 27 4.81 -10.09 -13.14
CA MET A 27 4.85 -8.63 -13.21
C MET A 27 5.74 -8.05 -12.13
N ALA A 28 5.57 -8.52 -10.89
CA ALA A 28 6.38 -8.02 -9.79
C ALA A 28 7.85 -8.36 -10.00
N ALA A 29 8.13 -9.59 -10.42
CA ALA A 29 9.51 -9.99 -10.67
C ALA A 29 10.15 -9.09 -11.72
N PHE A 30 9.45 -8.86 -12.83
CA PHE A 30 9.99 -7.99 -13.87
C PHE A 30 10.30 -6.60 -13.32
N MET A 31 9.40 -6.05 -12.49
CA MET A 31 9.59 -4.71 -11.98
C MET A 31 10.68 -4.67 -10.91
N LYS A 32 10.81 -5.73 -10.12
CA LYS A 32 11.92 -5.81 -9.18
C LYS A 32 13.25 -5.77 -9.92
N GLY A 33 13.33 -6.44 -11.06
CA GLY A 33 14.54 -6.41 -11.85
C GLY A 33 14.81 -5.03 -12.44
N ALA A 34 13.77 -4.37 -12.92
CA ALA A 34 13.94 -3.03 -13.47
C ALA A 34 14.42 -2.06 -12.40
N VAL A 35 13.81 -2.11 -11.21
CA VAL A 35 14.28 -1.29 -10.10
C VAL A 35 15.76 -1.52 -9.87
N GLU A 36 16.17 -2.79 -9.90
CA GLU A 36 17.54 -3.15 -9.57
C GLU A 36 18.54 -2.74 -10.65
N LYS A 37 18.08 -2.24 -11.80
CA LYS A 37 18.99 -1.59 -12.73
C LYS A 37 19.49 -0.24 -12.19
N GLY A 38 19.03 0.16 -11.01
CA GLY A 38 19.63 1.28 -10.31
C GLY A 38 19.14 2.66 -10.70
N GLU A 39 18.21 2.77 -11.65
CA GLU A 39 17.73 4.07 -12.09
C GLU A 39 16.43 4.43 -11.39
N GLU A 40 16.19 5.73 -11.28
CA GLU A 40 14.91 6.26 -10.81
C GLU A 40 13.78 5.65 -11.63
N LEU A 41 12.64 5.48 -11.00
CA LEU A 41 11.44 5.04 -11.70
C LEU A 41 10.60 6.24 -12.07
N SER A 42 9.99 6.19 -13.25
CA SER A 42 9.02 7.18 -13.66
C SER A 42 7.69 6.95 -12.92
N CYS A 43 6.81 7.95 -13.01
CA CYS A 43 5.50 7.81 -12.37
C CYS A 43 4.77 6.59 -12.90
N GLU A 44 4.73 6.43 -14.22
CA GLU A 44 4.13 5.23 -14.79
C GLU A 44 4.80 3.97 -14.23
N GLU A 45 6.11 4.04 -14.01
CA GLU A 45 6.86 2.86 -13.59
C GLU A 45 6.60 2.53 -12.11
N ARG A 46 6.50 3.56 -11.27
CA ARG A 46 6.16 3.32 -9.87
C ARG A 46 4.90 2.49 -9.76
N ASN A 47 3.91 2.78 -10.59
CA ASN A 47 2.57 2.23 -10.46
C ASN A 47 2.45 0.86 -11.09
N LEU A 48 3.33 0.54 -12.05
CA LEU A 48 3.49 -0.85 -12.46
C LEU A 48 3.99 -1.69 -11.29
N LEU A 49 4.98 -1.17 -10.56
CA LEU A 49 5.51 -1.89 -9.40
C LEU A 49 4.43 -2.08 -8.33
N SER A 50 3.78 -0.98 -7.94
CA SER A 50 2.80 -1.05 -6.84
C SER A 50 1.65 -1.99 -7.19
N VAL A 51 1.10 -1.88 -8.40
CA VAL A 51 -0.03 -2.71 -8.78
C VAL A 51 0.35 -4.19 -8.77
N ALA A 52 1.56 -4.50 -9.25
CA ALA A 52 1.99 -5.88 -9.30
C ALA A 52 2.11 -6.50 -7.91
N TYR A 53 2.82 -5.84 -6.99
CA TYR A 53 3.00 -6.40 -5.66
C TYR A 53 1.71 -6.33 -4.85
N LYS A 54 0.91 -5.28 -5.04
CA LYS A 54 -0.37 -5.23 -4.34
C LYS A 54 -1.25 -6.41 -4.71
N ASN A 55 -1.34 -6.75 -5.99
CA ASN A 55 -2.13 -7.91 -6.40
C ASN A 55 -1.56 -9.20 -5.81
N VAL A 56 -0.23 -9.26 -5.67
CA VAL A 56 0.39 -10.43 -5.06
C VAL A 56 -0.02 -10.53 -3.58
N VAL A 57 0.28 -9.50 -2.78
CA VAL A 57 -0.02 -9.61 -1.35
C VAL A 57 -1.53 -9.70 -1.13
N GLY A 58 -2.31 -9.10 -2.02
CA GLY A 58 -3.76 -9.11 -1.85
C GLY A 58 -4.34 -10.51 -1.88
N GLY A 59 -3.89 -11.34 -2.80
CA GLY A 59 -4.33 -12.72 -2.81
C GLY A 59 -3.88 -13.48 -1.59
N GLN A 60 -2.67 -13.18 -1.10
CA GLN A 60 -2.17 -13.84 0.09
C GLN A 60 -2.95 -13.41 1.33
N ARG A 61 -3.18 -12.10 1.48
CA ARG A 61 -3.99 -11.64 2.60
C ARG A 61 -5.36 -12.28 2.59
N ALA A 62 -5.96 -12.42 1.40
CA ALA A 62 -7.29 -13.01 1.31
C ALA A 62 -7.27 -14.48 1.70
N ALA A 63 -6.24 -15.21 1.27
CA ALA A 63 -6.13 -16.61 1.65
C ALA A 63 -5.86 -16.74 3.14
N TRP A 64 -4.97 -15.88 3.66
CA TRP A 64 -4.69 -15.89 5.09
C TRP A 64 -5.97 -15.71 5.91
N ARG A 65 -6.81 -14.76 5.49
CA ARG A 65 -8.02 -14.48 6.26
C ARG A 65 -8.99 -15.65 6.21
N VAL A 66 -9.14 -16.28 5.04
CA VAL A 66 -9.99 -17.46 4.92
C VAL A 66 -9.54 -18.50 5.93
N LEU A 67 -8.25 -18.79 5.94
CA LEU A 67 -7.73 -19.83 6.84
C LEU A 67 -7.80 -19.39 8.29
N SER A 68 -7.49 -18.12 8.56
CA SER A 68 -7.45 -17.66 9.95
C SER A 68 -8.82 -17.77 10.59
N SER A 69 -9.88 -17.42 9.87
CA SER A 69 -11.23 -17.53 10.42
C SER A 69 -11.62 -19.00 10.61
N ILE A 70 -11.21 -19.86 9.68
CA ILE A 70 -11.35 -21.30 9.92
C ILE A 70 -10.61 -21.68 11.20
N GLU A 71 -9.39 -21.16 11.37
CA GLU A 71 -8.59 -21.51 12.54
C GLU A 71 -9.23 -20.99 13.83
N GLN A 72 -9.87 -19.81 13.77
CA GLN A 72 -10.59 -19.32 14.94
C GLN A 72 -11.76 -20.23 15.26
N LYS A 73 -12.67 -20.42 14.29
CA LYS A 73 -13.82 -21.28 14.50
C LYS A 73 -13.38 -22.64 15.04
N SER A 74 -12.33 -23.22 14.45
CA SER A 74 -11.85 -24.53 14.87
C SER A 74 -11.34 -24.54 16.31
N ASN A 75 -11.12 -23.38 16.92
CA ASN A 75 -10.72 -23.32 18.31
C ASN A 75 -11.83 -22.65 19.14
N GLY A 83 -6.70 -31.38 15.36
CA GLY A 83 -5.68 -31.50 14.34
C GLY A 83 -4.92 -30.21 14.10
N PRO A 84 -3.63 -30.31 13.81
CA PRO A 84 -2.81 -29.11 13.58
C PRO A 84 -2.72 -28.66 12.12
N GLU A 85 -3.47 -29.29 11.20
CA GLU A 85 -3.29 -29.01 9.79
C GLU A 85 -3.73 -27.60 9.41
N VAL A 86 -4.73 -27.06 10.09
CA VAL A 86 -5.19 -25.71 9.78
C VAL A 86 -4.13 -24.68 10.19
N ARG A 87 -3.63 -24.81 11.42
CA ARG A 87 -2.52 -23.97 11.86
C ARG A 87 -1.37 -24.06 10.86
N GLU A 88 -0.98 -25.28 10.49
CA GLU A 88 0.17 -25.46 9.62
C GLU A 88 -0.03 -24.80 8.27
N TYR A 89 -1.20 -24.97 7.68
CA TYR A 89 -1.41 -24.33 6.38
C TYR A 89 -1.48 -22.81 6.52
N ARG A 90 -2.16 -22.32 7.56
CA ARG A 90 -2.18 -20.89 7.83
C ARG A 90 -0.76 -20.35 7.96
N GLU A 91 0.09 -21.03 8.74
N GLU A 91 0.09 -21.02 8.74
CA GLU A 91 1.46 -20.56 8.93
CA GLU A 91 1.46 -20.54 8.93
C GLU A 91 2.25 -20.58 7.63
C GLU A 91 2.24 -20.57 7.62
N LYS A 92 1.95 -21.53 6.75
CA LYS A 92 2.65 -21.60 5.46
C LYS A 92 2.30 -20.40 4.59
N VAL A 93 1.01 -20.07 4.50
CA VAL A 93 0.60 -18.91 3.73
C VAL A 93 1.11 -17.64 4.39
N GLU A 94 1.13 -17.63 5.72
CA GLU A 94 1.64 -16.48 6.46
C GLU A 94 3.10 -16.21 6.13
N THR A 95 3.95 -17.24 6.30
CA THR A 95 5.37 -17.07 6.02
C THR A 95 5.59 -16.59 4.58
N GLU A 96 4.83 -17.14 3.63
CA GLU A 96 4.94 -16.71 2.25
C GLU A 96 4.60 -15.24 2.10
N LEU A 97 3.52 -14.81 2.77
CA LEU A 97 3.12 -13.40 2.70
C LEU A 97 4.18 -12.50 3.31
N GLN A 98 4.73 -12.90 4.46
CA GLN A 98 5.75 -12.09 5.10
C GLN A 98 6.95 -11.88 4.18
N GLY A 99 7.31 -12.90 3.41
CA GLY A 99 8.46 -12.79 2.53
C GLY A 99 8.27 -11.73 1.45
N VAL A 100 7.06 -11.64 0.91
CA VAL A 100 6.79 -10.67 -0.15
C VAL A 100 6.86 -9.26 0.40
N CYS A 101 6.35 -9.04 1.62
CA CYS A 101 6.47 -7.73 2.24
C CYS A 101 7.92 -7.36 2.49
N ASP A 102 8.71 -8.31 3.00
CA ASP A 102 10.14 -8.06 3.19
C ASP A 102 10.81 -7.71 1.86
N THR A 103 10.47 -8.43 0.80
CA THR A 103 11.06 -8.16 -0.51
C THR A 103 10.78 -6.73 -0.94
N VAL A 104 9.59 -6.22 -0.63
CA VAL A 104 9.23 -4.86 -1.02
C VAL A 104 9.90 -3.86 -0.08
N LEU A 105 9.71 -4.02 1.23
CA LEU A 105 10.36 -3.14 2.19
C LEU A 105 11.86 -3.08 1.95
N GLY A 106 12.47 -4.22 1.59
CA GLY A 106 13.86 -4.19 1.18
C GLY A 106 14.07 -3.41 -0.09
N LEU A 107 13.18 -3.58 -1.07
CA LEU A 107 13.31 -2.84 -2.32
C LEU A 107 13.13 -1.34 -2.09
N LEU A 108 12.31 -0.96 -1.12
CA LEU A 108 12.15 0.46 -0.80
C LEU A 108 13.39 0.99 -0.07
N ASP A 109 13.82 0.28 0.96
CA ASP A 109 14.92 0.73 1.79
C ASP A 109 16.28 0.56 1.12
N SER A 110 16.33 0.22 -0.16
CA SER A 110 17.62 0.00 -0.79
C SER A 110 17.74 0.70 -2.13
N HIS A 111 16.63 0.94 -2.81
CA HIS A 111 16.72 1.59 -4.11
C HIS A 111 15.76 2.76 -4.27
N LEU A 112 14.61 2.73 -3.59
CA LEU A 112 13.52 3.65 -3.90
C LEU A 112 13.43 4.83 -2.95
N ILE A 113 13.54 4.62 -1.64
CA ILE A 113 13.36 5.72 -0.70
C ILE A 113 14.52 6.69 -0.81
N GLY A 117 14.48 13.26 -3.91
CA GLY A 117 13.71 13.31 -5.12
C GLY A 117 12.58 14.32 -5.04
N ASP A 118 11.68 14.21 -6.00
CA ASP A 118 10.51 15.08 -6.08
C ASP A 118 9.40 14.62 -5.14
N ALA A 119 8.50 15.55 -4.84
CA ALA A 119 7.69 15.38 -3.64
C ALA A 119 6.76 14.20 -3.80
N GLU A 120 6.10 14.11 -4.94
CA GLU A 120 5.18 13.01 -5.15
C GLU A 120 5.93 11.69 -5.11
N SER A 121 7.15 11.68 -5.63
CA SER A 121 7.95 10.47 -5.60
C SER A 121 8.28 10.04 -4.19
N ARG A 122 8.59 10.97 -3.31
CA ARG A 122 8.98 10.61 -1.95
C ARG A 122 7.77 10.17 -1.14
N VAL A 123 6.64 10.82 -1.32
CA VAL A 123 5.43 10.38 -0.63
C VAL A 123 5.02 8.99 -1.10
N PHE A 124 5.09 8.74 -2.41
CA PHE A 124 4.69 7.46 -2.97
C PHE A 124 5.37 6.30 -2.24
N TYR A 125 6.69 6.38 -2.12
CA TYR A 125 7.43 5.26 -1.56
C TYR A 125 7.27 5.17 -0.06
N LEU A 126 7.18 6.31 0.62
CA LEU A 126 6.93 6.27 2.06
C LEU A 126 5.53 5.72 2.36
N LYS A 127 4.56 5.96 1.47
CA LYS A 127 3.26 5.35 1.66
C LYS A 127 3.32 3.84 1.47
N MET A 128 4.08 3.38 0.47
CA MET A 128 4.26 1.95 0.30
C MET A 128 4.88 1.32 1.54
N LYS A 129 5.90 1.97 2.10
CA LYS A 129 6.53 1.48 3.31
C LYS A 129 5.50 1.30 4.42
N GLY A 130 4.63 2.29 4.62
CA GLY A 130 3.62 2.18 5.65
C GLY A 130 2.58 1.11 5.36
N ASP A 131 2.27 0.90 4.08
CA ASP A 131 1.27 -0.09 3.74
C ASP A 131 1.77 -1.50 4.02
N TYR A 132 3.00 -1.81 3.61
CA TYR A 132 3.51 -3.17 3.74
C TYR A 132 3.95 -3.48 5.16
N TYR A 133 4.39 -2.48 5.92
CA TYR A 133 4.49 -2.68 7.36
C TYR A 133 3.12 -3.00 7.95
N ARG A 134 2.07 -2.33 7.45
CA ARG A 134 0.73 -2.61 7.94
C ARG A 134 0.30 -4.03 7.59
N TYR A 135 0.66 -4.51 6.39
CA TYR A 135 0.27 -5.87 6.04
C TYR A 135 0.94 -6.89 6.95
N LEU A 136 2.19 -6.65 7.34
CA LEU A 136 2.84 -7.53 8.29
C LEU A 136 2.18 -7.41 9.66
N ALA A 137 1.79 -6.20 10.05
CA ALA A 137 1.08 -6.02 11.31
C ALA A 137 -0.17 -6.87 11.37
N GLU A 138 -0.84 -7.08 10.23
CA GLU A 138 -2.08 -7.84 10.21
C GLU A 138 -1.90 -9.27 10.69
N VAL A 139 -0.68 -9.80 10.61
CA VAL A 139 -0.44 -11.20 10.94
C VAL A 139 0.58 -11.37 12.06
N ALA A 140 1.07 -10.28 12.63
CA ALA A 140 2.11 -10.38 13.64
C ALA A 140 1.50 -10.54 15.04
N THR A 141 2.33 -11.03 15.96
CA THR A 141 1.93 -11.16 17.36
C THR A 141 3.18 -11.12 18.23
N GLY A 142 3.07 -10.44 19.37
CA GLY A 142 4.06 -10.57 20.44
C GLY A 142 5.13 -9.50 20.45
N ASP A 143 6.27 -9.87 21.03
CA ASP A 143 7.42 -8.97 21.06
C ASP A 143 7.69 -8.39 19.67
N ASP A 144 8.01 -9.27 18.72
CA ASP A 144 8.27 -8.83 17.35
C ASP A 144 7.16 -7.95 16.81
N LYS A 145 5.92 -8.16 17.24
CA LYS A 145 4.79 -7.51 16.60
C LYS A 145 4.90 -5.99 16.70
N LYS A 146 4.84 -5.46 17.93
CA LYS A 146 4.65 -4.02 18.10
C LYS A 146 5.79 -3.20 17.51
N ARG A 147 6.98 -3.77 17.37
CA ARG A 147 8.01 -3.14 16.56
C ARG A 147 7.47 -2.78 15.18
N ILE A 148 6.55 -3.59 14.67
CA ILE A 148 6.05 -3.40 13.31
C ILE A 148 5.05 -2.26 13.25
N ILE A 149 4.23 -2.11 14.30
CA ILE A 149 3.19 -1.09 14.26
C ILE A 149 3.82 0.30 14.23
N ASP A 150 4.80 0.54 15.11
CA ASP A 150 5.44 1.85 15.15
C ASP A 150 6.05 2.21 13.80
N SER A 151 6.56 1.21 13.08
CA SER A 151 7.20 1.50 11.80
C SER A 151 6.18 1.98 10.77
N ALA A 152 5.08 1.23 10.62
CA ALA A 152 4.02 1.64 9.71
C ALA A 152 3.62 3.08 10.01
N ARG A 153 3.64 3.45 11.29
CA ARG A 153 3.17 4.76 11.70
C ARG A 153 4.17 5.86 11.37
N SER A 154 5.46 5.64 11.62
CA SER A 154 6.46 6.62 11.21
C SER A 154 6.42 6.82 9.69
N ALA A 155 6.46 5.73 8.92
CA ALA A 155 6.39 5.86 7.48
C ALA A 155 5.19 6.70 7.05
N TYR A 156 4.02 6.42 7.61
CA TYR A 156 2.84 7.18 7.23
C TYR A 156 3.00 8.64 7.64
N GLN A 157 3.38 8.88 8.90
CA GLN A 157 3.47 10.25 9.40
C GLN A 157 4.37 11.09 8.51
N GLU A 158 5.58 10.61 8.24
CA GLU A 158 6.49 11.33 7.37
C GLU A 158 5.84 11.65 6.04
N ALA A 159 5.14 10.68 5.46
CA ALA A 159 4.46 10.92 4.19
C ALA A 159 3.36 11.96 4.35
N MET A 160 2.63 11.92 5.46
N MET A 160 2.65 11.94 5.47
CA MET A 160 1.62 12.94 5.73
CA MET A 160 1.62 12.95 5.69
C MET A 160 2.26 14.32 5.78
C MET A 160 2.23 14.34 5.81
N ASP A 161 3.36 14.45 6.55
CA ASP A 161 4.04 15.73 6.68
C ASP A 161 4.39 16.32 5.32
N ILE A 162 4.98 15.50 4.45
CA ILE A 162 5.40 16.00 3.15
C ILE A 162 4.19 16.43 2.34
N SER A 163 3.21 15.54 2.20
CA SER A 163 2.05 15.84 1.38
C SER A 163 1.34 17.10 1.85
N LYS A 164 1.17 17.25 3.17
CA LYS A 164 0.44 18.41 3.69
C LYS A 164 1.11 19.72 3.28
N LYS A 165 2.44 19.71 3.13
CA LYS A 165 3.16 20.94 2.86
C LYS A 165 3.39 21.19 1.37
N GLU A 166 3.50 20.13 0.58
CA GLU A 166 4.01 20.25 -0.77
C GLU A 166 2.99 19.92 -1.87
N MET A 167 1.91 19.21 -1.55
CA MET A 167 0.89 18.89 -2.53
C MET A 167 -0.44 19.55 -2.14
N PRO A 168 -1.23 19.98 -3.10
CA PRO A 168 -2.59 20.50 -2.80
C PRO A 168 -3.46 19.40 -2.24
N PRO A 169 -4.50 19.75 -1.45
CA PRO A 169 -5.34 18.73 -0.82
C PRO A 169 -6.22 17.93 -1.78
N THR A 170 -6.22 18.24 -3.08
CA THR A 170 -6.94 17.42 -4.06
C THR A 170 -6.05 16.35 -4.71
N ASN A 171 -4.79 16.28 -4.33
CA ASN A 171 -3.83 15.44 -5.02
C ASN A 171 -4.11 13.97 -4.74
N PRO A 172 -4.13 13.11 -5.76
CA PRO A 172 -4.48 11.69 -5.52
C PRO A 172 -3.54 11.00 -4.53
N ILE A 173 -2.24 11.23 -4.64
CA ILE A 173 -1.30 10.59 -3.72
C ILE A 173 -1.57 11.03 -2.28
N ARG A 174 -1.68 12.35 -2.07
CA ARG A 174 -2.03 12.83 -0.74
C ARG A 174 -3.34 12.23 -0.26
N LEU A 175 -4.33 12.13 -1.15
CA LEU A 175 -5.63 11.63 -0.76
C LEU A 175 -5.58 10.15 -0.42
N GLY A 176 -5.02 9.34 -1.33
CA GLY A 176 -5.00 7.90 -1.10
C GLY A 176 -4.17 7.52 0.10
N LEU A 177 -3.05 8.20 0.30
CA LEU A 177 -2.24 7.98 1.49
C LEU A 177 -3.07 8.18 2.76
N ALA A 178 -3.80 9.30 2.82
CA ALA A 178 -4.56 9.61 4.02
C ALA A 178 -5.64 8.56 4.26
N LEU A 179 -6.34 8.16 3.20
CA LEU A 179 -7.32 7.07 3.33
C LEU A 179 -6.70 5.87 4.03
N ASN A 180 -5.52 5.43 3.56
CA ASN A 180 -4.88 4.26 4.14
C ASN A 180 -4.42 4.53 5.56
N PHE A 181 -3.93 5.74 5.83
CA PHE A 181 -3.52 6.06 7.18
C PHE A 181 -4.71 6.06 8.12
N SER A 182 -5.87 6.48 7.63
CA SER A 182 -7.09 6.36 8.42
C SER A 182 -7.37 4.89 8.72
N VAL A 183 -7.41 4.05 7.68
CA VAL A 183 -7.65 2.62 7.89
C VAL A 183 -6.63 2.04 8.87
N PHE A 184 -5.39 2.51 8.81
CA PHE A 184 -4.38 2.04 9.75
C PHE A 184 -4.81 2.35 11.19
N HIS A 185 -5.22 3.59 11.44
CA HIS A 185 -5.69 3.97 12.77
C HIS A 185 -6.82 3.06 13.23
N TYR A 186 -7.78 2.82 12.34
CA TYR A 186 -8.97 2.06 12.71
C TYR A 186 -8.63 0.59 12.96
N GLU A 187 -8.10 -0.09 11.95
CA GLU A 187 -7.99 -1.54 11.97
C GLU A 187 -6.67 -2.03 12.59
N ILE A 188 -5.78 -1.13 12.98
CA ILE A 188 -4.44 -1.54 13.39
C ILE A 188 -3.98 -0.89 14.68
N ALA A 189 -4.51 0.26 15.06
CA ALA A 189 -4.13 0.92 16.29
C ALA A 189 -5.30 1.11 17.24
N ASN A 190 -6.46 0.52 16.94
CA ASN A 190 -7.64 0.65 17.79
C ASN A 190 -7.88 2.10 18.17
N SER A 191 -7.83 2.96 17.16
CA SER A 191 -8.00 4.41 17.34
C SER A 191 -9.05 4.92 16.36
N PRO A 192 -10.29 4.42 16.48
CA PRO A 192 -11.35 4.93 15.59
C PRO A 192 -11.44 6.44 15.60
N GLU A 193 -11.13 7.08 16.73
CA GLU A 193 -11.15 8.53 16.82
C GLU A 193 -10.26 9.14 15.74
N GLU A 194 -8.95 8.90 15.81
CA GLU A 194 -8.05 9.45 14.81
C GLU A 194 -8.44 9.00 13.42
N ALA A 195 -8.80 7.72 13.27
CA ALA A 195 -9.13 7.19 11.95
C ALA A 195 -10.25 7.99 11.31
N ILE A 196 -11.29 8.30 12.07
CA ILE A 196 -12.42 9.03 11.50
C ILE A 196 -12.07 10.50 11.32
N SER A 197 -11.34 11.09 12.26
CA SER A 197 -10.94 12.49 12.15
C SER A 197 -10.19 12.72 10.85
N LEU A 198 -9.12 11.96 10.63
CA LEU A 198 -8.32 12.10 9.43
C LEU A 198 -9.19 12.03 8.17
N ALA A 199 -10.03 11.01 8.08
CA ALA A 199 -10.82 10.82 6.87
C ALA A 199 -11.76 12.00 6.64
N LYS A 200 -12.44 12.45 7.69
N LYS A 200 -12.45 12.43 7.69
CA LYS A 200 -13.35 13.58 7.52
CA LYS A 200 -13.35 13.57 7.59
C LYS A 200 -12.58 14.84 7.16
C LYS A 200 -12.59 14.83 7.18
N THR A 201 -11.53 15.16 7.94
CA THR A 201 -10.71 16.31 7.61
C THR A 201 -10.21 16.23 6.18
N THR A 202 -9.65 15.09 5.80
CA THR A 202 -9.11 14.94 4.45
C THR A 202 -10.16 15.27 3.40
N PHE A 203 -11.32 14.61 3.47
CA PHE A 203 -12.38 14.88 2.50
C PHE A 203 -12.79 16.35 2.58
N ASP A 204 -12.94 16.89 3.78
CA ASP A 204 -13.36 18.28 3.93
C ASP A 204 -12.36 19.23 3.28
N GLU A 205 -11.09 19.16 3.70
N GLU A 205 -11.09 19.14 3.68
CA GLU A 205 -10.09 20.07 3.18
CA GLU A 205 -10.09 20.07 3.15
C GLU A 205 -10.00 19.98 1.65
C GLU A 205 -10.02 19.99 1.64
N ALA A 206 -10.23 18.80 1.08
CA ALA A 206 -10.13 18.64 -0.37
C ALA A 206 -11.25 19.38 -1.07
N MET A 207 -12.47 19.29 -0.54
N MET A 207 -12.48 19.29 -0.54
CA MET A 207 -13.59 20.01 -1.13
CA MET A 207 -13.59 20.02 -1.13
C MET A 207 -13.54 21.50 -0.82
C MET A 207 -13.50 21.51 -0.84
N ALA A 208 -12.91 21.88 0.30
CA ALA A 208 -12.71 23.29 0.59
C ALA A 208 -11.91 23.95 -0.52
N ASP A 209 -10.85 23.27 -0.98
CA ASP A 209 -10.02 23.74 -2.09
C ASP A 209 -10.29 22.91 -3.33
N LEU A 210 -11.56 22.67 -3.64
CA LEU A 210 -11.89 21.85 -4.80
C LEU A 210 -11.38 22.44 -6.10
N HIS A 211 -11.07 23.73 -6.14
CA HIS A 211 -10.59 24.36 -7.36
C HIS A 211 -9.21 23.89 -7.77
N THR A 212 -8.53 23.07 -6.96
CA THR A 212 -7.16 22.67 -7.24
C THR A 212 -7.05 21.35 -8.00
N LEU A 213 -8.17 20.68 -8.30
CA LEU A 213 -8.09 19.51 -9.16
C LEU A 213 -7.42 19.88 -10.48
N SER A 214 -6.66 18.93 -11.03
CA SER A 214 -6.02 19.11 -12.32
C SER A 214 -6.63 18.15 -13.35
N GLU A 215 -6.51 18.51 -14.62
CA GLU A 215 -7.10 17.70 -15.67
C GLU A 215 -6.53 16.30 -15.68
N ASP A 216 -5.27 16.15 -15.26
CA ASP A 216 -4.56 14.89 -15.41
C ASP A 216 -5.03 13.84 -14.42
N SER A 217 -5.54 14.26 -13.26
CA SER A 217 -5.81 13.32 -12.18
C SER A 217 -7.15 13.53 -11.49
N TYR A 218 -7.99 14.44 -11.98
CA TYR A 218 -9.24 14.75 -11.27
C TYR A 218 -10.10 13.51 -11.09
N LYS A 219 -10.18 12.65 -12.11
CA LYS A 219 -10.97 11.42 -11.97
C LYS A 219 -10.49 10.59 -10.80
N ASP A 220 -9.17 10.48 -10.63
CA ASP A 220 -8.64 9.70 -9.51
C ASP A 220 -8.99 10.34 -8.18
N SER A 221 -8.85 11.67 -8.08
CA SER A 221 -9.14 12.35 -6.82
C SER A 221 -10.61 12.19 -6.43
N THR A 222 -11.52 12.37 -7.40
CA THR A 222 -12.94 12.17 -7.10
C THR A 222 -13.18 10.79 -6.49
N LEU A 223 -12.50 9.77 -7.03
CA LEU A 223 -12.72 8.41 -6.56
C LEU A 223 -12.22 8.24 -5.13
N ILE A 224 -11.02 8.72 -4.82
CA ILE A 224 -10.49 8.56 -3.47
C ILE A 224 -11.34 9.35 -2.48
N MET A 225 -11.90 10.47 -2.91
CA MET A 225 -12.85 11.18 -2.05
C MET A 225 -14.12 10.34 -1.83
N GLN A 226 -14.61 9.70 -2.89
CA GLN A 226 -15.76 8.83 -2.73
C GLN A 226 -15.44 7.66 -1.81
N LEU A 227 -14.22 7.14 -1.89
CA LEU A 227 -13.81 6.06 -1.02
C LEU A 227 -13.64 6.53 0.42
N LEU A 228 -13.20 7.77 0.62
CA LEU A 228 -13.11 8.30 1.98
C LEU A 228 -14.48 8.39 2.62
N ARG A 229 -15.49 8.78 1.85
CA ARG A 229 -16.84 8.85 2.40
C ARG A 229 -17.47 7.47 2.51
N ASP A 230 -17.08 6.54 1.64
CA ASP A 230 -17.52 5.16 1.80
C ASP A 230 -17.05 4.62 3.14
N ASN A 231 -15.77 4.82 3.47
CA ASN A 231 -15.27 4.37 4.76
C ASN A 231 -16.01 5.05 5.91
N LEU A 232 -16.28 6.34 5.76
CA LEU A 232 -16.92 7.09 6.83
C LEU A 232 -18.34 6.59 7.07
N THR A 233 -19.10 6.36 5.98
CA THR A 233 -20.41 5.74 6.11
C THR A 233 -20.32 4.44 6.89
N LEU A 234 -19.30 3.62 6.58
CA LEU A 234 -19.13 2.32 7.20
C LEU A 234 -18.79 2.43 8.68
N TRP A 235 -18.10 3.51 9.08
CA TRP A 235 -17.68 3.65 10.48
C TRP A 235 -18.70 4.41 11.32
N THR A 236 -19.78 4.93 10.75
CA THR A 236 -20.78 5.63 11.56
C THR A 236 -22.20 5.49 10.99
N PHE B 4 -14.97 -4.72 4.47
CA PHE B 4 -13.70 -4.23 5.01
C PHE B 4 -13.44 -2.85 4.43
N PRO B 5 -12.68 -2.04 5.16
CA PRO B 5 -12.49 -0.64 4.73
C PRO B 5 -11.64 -0.56 3.48
N ALA B 6 -11.86 0.50 2.71
CA ALA B 6 -11.15 0.66 1.46
C ALA B 6 -9.76 1.29 1.65
N VAL B 8 -6.01 1.99 -0.97
CA VAL B 8 -5.57 2.01 -2.37
C VAL B 8 -4.06 1.85 -2.44
#